data_5NDU
#
_entry.id   5NDU
#
_cell.length_a   136.150
_cell.length_b   34.570
_cell.length_c   44.240
_cell.angle_alpha   90.00
_cell.angle_beta   96.93
_cell.angle_gamma   90.00
#
_symmetry.space_group_name_H-M   'C 1 2 1'
#
loop_
_entity.id
_entity.type
_entity.pdbx_description
1 polymer 'Protein enabled homolog'
2 non-polymer "methyl (3~{S},7~{R},10~{R},13~{R})-4-[(3~{S},6~{R},8~{a}~{S})-1'-[(2~{S})-2-acetamido-3-(2-chlorophenyl)propanoyl]-5-oxidanylid ene-spiro[1,2,3,8~{a}-tetrahydroindolizine-6,2'-pyrrolidine]-3-yl]carbonyl-2-oxidanylidene-1,4-diazatricyclo[8.3.0.0^{3, 7}]tridec-8-ene-13-carboxylate"
3 non-polymer 'SULFATE ION'
4 non-polymer 'NITRATE ION'
5 non-polymer GLYCEROL
6 water water
#
_entity_poly.entity_id   1
_entity_poly.type   'polypeptide(L)'
_entity_poly.pdbx_seq_one_letter_code
;GSMSEQSICQARAAVMVYDDANKKWVPAGGSTGFSRVHIYHHTGNNTFRVVGRKIQDHQVVINCAIPKGLKYNQATQTFH
QWRDARQVYGLNFGSKEDANVFASAMMHALEVL
;
_entity_poly.pdbx_strand_id   A,B
#
loop_
_chem_comp.id
_chem_comp.type
_chem_comp.name
_chem_comp.formula
8V2 non-polymer 'methyl (3~{S},7~{R},10~{R},13~{R})-4-[(3~{S},6~{R},8~{a}~{S})-1'-[(2~{S})-2-acetamido-3-(2-chlorophenyl)propanoyl]-5-oxidanylid ene-spiro[1,2,3,8~{a}-tetrahydroindolizine-6,2'-pyrrolidine]-3-yl]carbonyl-2-oxidanylidene-1,4-diazatricyclo[8.3.0.0^{3, 7}]tridec-8-ene-13-carboxylate' 'C36 H42 Cl N5 O7'
GOL non-polymer GLYCEROL 'C3 H8 O3'
NO3 non-polymer 'NITRATE ION' 'N O3 -1'
SO4 non-polymer 'SULFATE ION' 'O4 S -2'
#
# COMPACT_ATOMS: atom_id res chain seq x y z
N GLU A 5 -6.28 -12.21 -14.60
CA GLU A 5 -5.17 -11.62 -13.87
C GLU A 5 -5.51 -11.42 -12.38
N GLN A 6 -4.79 -12.10 -11.48
CA GLN A 6 -4.98 -11.91 -10.04
C GLN A 6 -3.70 -11.38 -9.41
N SER A 7 -3.84 -10.35 -8.60
CA SER A 7 -2.69 -9.85 -7.87
C SER A 7 -2.36 -10.80 -6.74
N ILE A 8 -1.09 -11.14 -6.57
CA ILE A 8 -0.65 -11.99 -5.47
C ILE A 8 0.11 -11.19 -4.44
N CYS A 9 0.39 -9.91 -4.69
CA CYS A 9 0.97 -9.04 -3.68
C CYS A 9 0.84 -7.60 -4.10
N GLN A 10 0.97 -6.71 -3.11
CA GLN A 10 1.14 -5.28 -3.38
C GLN A 10 2.21 -4.79 -2.44
N ALA A 11 3.19 -4.08 -2.93
CA ALA A 11 4.28 -3.60 -2.12
C ALA A 11 4.67 -2.21 -2.58
N ARG A 12 5.10 -1.38 -1.63
CA ARG A 12 5.43 0.02 -1.89
C ARG A 12 6.92 0.06 -2.26
N ALA A 13 7.26 0.60 -3.43
CA ALA A 13 8.67 0.71 -3.79
C ALA A 13 8.89 1.82 -4.81
N ALA A 14 10.07 2.42 -4.74
CA ALA A 14 10.50 3.30 -5.83
C ALA A 14 11.14 2.42 -6.88
N VAL A 15 10.58 2.43 -8.06
CA VAL A 15 11.02 1.52 -9.12
C VAL A 15 12.11 2.19 -9.94
N MET A 16 13.28 1.54 -9.99
N MET A 16 13.17 1.45 -10.21
CA MET A 16 14.47 2.06 -10.65
CA MET A 16 14.30 2.01 -10.93
C MET A 16 14.86 1.13 -11.78
C MET A 16 14.74 1.08 -12.05
N VAL A 17 15.48 1.70 -12.80
N VAL A 17 15.40 1.70 -13.03
CA VAL A 17 16.10 0.92 -13.87
CA VAL A 17 16.05 1.05 -14.17
C VAL A 17 17.54 1.40 -14.03
C VAL A 17 17.52 1.44 -14.13
N TYR A 18 18.41 0.49 -14.45
CA TYR A 18 19.82 0.86 -14.50
C TYR A 18 20.20 1.47 -15.85
N ASP A 19 20.83 2.62 -15.80
CA ASP A 19 21.35 3.27 -17.00
C ASP A 19 22.73 2.68 -17.21
N ASP A 20 22.82 1.75 -18.16
N ASP A 20 22.82 1.76 -18.17
CA ASP A 20 24.07 1.09 -18.42
CA ASP A 20 24.06 1.06 -18.40
C ASP A 20 25.12 2.07 -18.93
C ASP A 20 25.07 1.87 -19.22
N ALA A 21 24.70 3.06 -19.69
CA ALA A 21 25.70 3.97 -20.28
C ALA A 21 26.35 4.84 -19.23
N ASN A 22 25.58 5.38 -18.31
CA ASN A 22 26.05 6.32 -17.30
C ASN A 22 26.28 5.67 -15.95
N LYS A 23 25.98 4.38 -15.83
CA LYS A 23 26.31 3.57 -14.66
C LYS A 23 25.65 4.09 -13.39
N LYS A 24 24.33 4.27 -13.45
CA LYS A 24 23.54 4.75 -12.31
C LYS A 24 22.09 4.32 -12.44
N TRP A 25 21.40 4.27 -11.29
CA TRP A 25 20.00 3.95 -11.28
C TRP A 25 19.23 5.22 -11.64
N VAL A 26 18.15 5.04 -12.40
CA VAL A 26 17.30 6.17 -12.81
C VAL A 26 15.85 5.77 -12.55
N PRO A 27 14.97 6.72 -12.26
CA PRO A 27 13.56 6.35 -11.97
C PRO A 27 12.89 5.74 -13.19
N ALA A 28 12.20 4.62 -12.96
CA ALA A 28 11.40 4.04 -14.01
C ALA A 28 10.24 4.98 -14.37
N GLY A 29 10.06 5.19 -15.67
CA GLY A 29 9.04 6.07 -16.15
C GLY A 29 9.39 7.55 -16.12
N GLY A 30 10.53 7.93 -15.54
CA GLY A 30 11.03 9.27 -15.63
C GLY A 30 11.03 10.12 -14.39
N SER A 31 10.21 9.81 -13.39
N SER A 31 10.22 9.78 -13.38
CA SER A 31 10.06 10.70 -12.24
CA SER A 31 10.04 10.65 -12.23
C SER A 31 10.23 9.89 -10.95
C SER A 31 10.23 9.86 -10.94
N THR A 32 11.03 10.45 -10.05
CA THR A 32 11.34 9.75 -8.80
C THR A 32 10.16 9.78 -7.83
N GLY A 33 9.83 8.62 -7.30
CA GLY A 33 8.81 8.55 -6.27
C GLY A 33 8.34 7.11 -6.13
N PHE A 34 7.41 6.91 -5.15
CA PHE A 34 7.02 5.54 -4.82
C PHE A 34 5.82 5.09 -5.65
N SER A 35 5.81 3.78 -5.95
CA SER A 35 4.76 3.09 -6.68
C SER A 35 4.18 1.95 -5.83
N ARG A 36 2.97 1.55 -6.16
CA ARG A 36 2.40 0.29 -5.66
C ARG A 36 2.71 -0.78 -6.70
N VAL A 37 3.50 -1.79 -6.32
CA VAL A 37 4.04 -2.77 -7.24
C VAL A 37 3.38 -4.09 -6.95
N HIS A 38 2.77 -4.67 -7.96
CA HIS A 38 2.11 -5.95 -7.85
C HIS A 38 2.89 -7.02 -8.58
N ILE A 39 2.69 -8.26 -8.16
CA ILE A 39 2.87 -9.38 -9.06
C ILE A 39 1.49 -9.88 -9.43
N TYR A 40 1.25 -9.99 -10.71
CA TYR A 40 -0.01 -10.52 -11.22
C TYR A 40 0.19 -11.90 -11.80
N HIS A 41 -0.70 -12.79 -11.44
CA HIS A 41 -0.69 -14.17 -11.91
C HIS A 41 -1.80 -14.27 -12.94
N HIS A 42 -1.44 -14.69 -14.16
CA HIS A 42 -2.43 -14.95 -15.18
C HIS A 42 -2.83 -16.39 -14.97
N THR A 43 -3.98 -16.59 -14.31
CA THR A 43 -4.33 -17.94 -13.87
C THR A 43 -4.54 -18.86 -15.06
N GLY A 44 -4.96 -18.31 -16.20
CA GLY A 44 -5.18 -19.12 -17.37
C GLY A 44 -3.95 -19.90 -17.81
N ASN A 45 -2.84 -19.21 -18.06
CA ASN A 45 -1.65 -19.84 -18.62
C ASN A 45 -0.48 -19.89 -17.64
N ASN A 46 -0.74 -19.70 -16.35
CA ASN A 46 0.26 -19.82 -15.30
C ASN A 46 1.50 -19.00 -15.64
N THR A 47 1.29 -17.73 -15.95
CA THR A 47 2.38 -16.78 -16.12
C THR A 47 2.24 -15.70 -15.05
N PHE A 48 3.34 -15.03 -14.82
CA PHE A 48 3.39 -13.93 -13.85
C PHE A 48 4.06 -12.70 -14.44
N ARG A 49 3.60 -11.49 -14.05
CA ARG A 49 4.23 -10.25 -14.45
C ARG A 49 4.32 -9.32 -13.25
N VAL A 50 5.31 -8.44 -13.25
CA VAL A 50 5.43 -7.34 -12.31
C VAL A 50 4.83 -6.10 -12.95
N VAL A 51 3.86 -5.49 -12.29
CA VAL A 51 3.25 -4.23 -12.75
C VAL A 51 3.22 -3.27 -11.58
N GLY A 52 3.77 -2.09 -11.79
CA GLY A 52 3.77 -1.05 -10.76
C GLY A 52 3.27 0.29 -11.29
N ARG A 53 2.49 0.96 -10.47
CA ARG A 53 1.90 2.27 -10.81
C ARG A 53 2.28 3.29 -9.75
N LYS A 54 2.67 4.50 -10.20
CA LYS A 54 3.04 5.55 -9.28
C LYS A 54 1.85 5.93 -8.39
N ILE A 55 2.10 6.12 -7.09
CA ILE A 55 1.00 6.46 -6.18
C ILE A 55 0.40 7.81 -6.59
N GLN A 56 1.23 8.79 -6.97
CA GLN A 56 0.76 10.14 -7.26
C GLN A 56 -0.21 10.18 -8.44
N ASP A 57 0.23 9.66 -9.58
CA ASP A 57 -0.48 9.92 -10.82
C ASP A 57 -0.88 8.65 -11.57
N HIS A 58 -0.64 7.48 -11.00
CA HIS A 58 -1.09 6.21 -11.54
C HIS A 58 -0.29 5.75 -12.76
N GLN A 59 0.78 6.45 -13.12
CA GLN A 59 1.58 6.05 -14.27
C GLN A 59 2.08 4.62 -14.09
N VAL A 60 1.96 3.80 -15.14
CA VAL A 60 2.58 2.47 -15.11
C VAL A 60 4.06 2.69 -15.33
N VAL A 61 4.88 2.31 -14.37
CA VAL A 61 6.33 2.49 -14.45
C VAL A 61 7.07 1.20 -14.70
N ILE A 62 6.40 0.04 -14.55
CA ILE A 62 7.02 -1.28 -14.81
C ILE A 62 5.91 -2.22 -15.24
N ASN A 63 6.22 -3.03 -16.23
CA ASN A 63 5.28 -4.03 -16.72
C ASN A 63 6.17 -5.11 -17.38
N CYS A 64 6.56 -6.10 -16.59
N CYS A 64 6.60 -6.08 -16.56
CA CYS A 64 7.56 -7.00 -17.14
CA CYS A 64 7.69 -7.01 -16.88
C CYS A 64 7.33 -8.42 -16.69
C CYS A 64 7.20 -8.45 -16.72
N ALA A 65 7.62 -9.32 -17.63
CA ALA A 65 7.41 -10.75 -17.43
C ALA A 65 8.37 -11.25 -16.38
N ILE A 66 7.94 -12.27 -15.64
CA ILE A 66 8.83 -13.04 -14.76
C ILE A 66 9.02 -14.40 -15.43
N PRO A 67 10.15 -14.64 -16.08
CA PRO A 67 10.38 -15.93 -16.74
C PRO A 67 10.85 -16.97 -15.77
N LYS A 68 10.53 -18.22 -16.08
CA LYS A 68 11.05 -19.33 -15.33
C LYS A 68 12.57 -19.25 -15.27
N GLY A 69 13.12 -19.47 -14.07
CA GLY A 69 14.57 -19.46 -13.91
C GLY A 69 15.17 -18.12 -13.53
N LEU A 70 14.35 -17.08 -13.44
N LEU A 70 14.36 -17.09 -13.47
CA LEU A 70 14.85 -15.76 -13.09
CA LEU A 70 14.86 -15.77 -13.11
C LEU A 70 15.63 -15.76 -11.78
C LEU A 70 15.66 -15.83 -11.81
N LYS A 71 16.76 -15.10 -11.80
CA LYS A 71 17.59 -14.89 -10.62
C LYS A 71 17.22 -13.57 -9.97
N TYR A 72 16.55 -13.65 -8.82
CA TYR A 72 16.10 -12.49 -8.09
C TYR A 72 17.08 -12.25 -6.97
N ASN A 73 17.71 -11.08 -6.96
CA ASN A 73 18.79 -10.77 -6.04
C ASN A 73 18.27 -9.87 -4.94
N GLN A 74 18.41 -10.30 -3.70
CA GLN A 74 18.02 -9.48 -2.53
C GLN A 74 19.29 -8.83 -1.99
N ALA A 75 19.71 -7.75 -2.64
CA ALA A 75 20.98 -7.08 -2.34
C ALA A 75 21.03 -6.61 -0.89
N THR A 76 19.95 -5.96 -0.42
CA THR A 76 19.81 -5.56 0.98
C THR A 76 18.39 -5.94 1.40
N GLN A 77 18.06 -5.68 2.66
CA GLN A 77 16.69 -5.93 3.12
C GLN A 77 15.65 -5.00 2.52
N THR A 78 16.05 -3.92 1.82
CA THR A 78 15.10 -3.01 1.20
C THR A 78 15.44 -2.68 -0.24
N PHE A 79 16.41 -3.37 -0.85
CA PHE A 79 16.73 -3.13 -2.26
C PHE A 79 16.94 -4.46 -2.96
N HIS A 80 16.02 -4.81 -3.87
CA HIS A 80 16.06 -6.07 -4.62
C HIS A 80 16.12 -5.77 -6.12
N GLN A 81 16.66 -6.69 -6.89
N GLN A 81 16.74 -6.66 -6.88
CA GLN A 81 16.96 -6.43 -8.28
CA GLN A 81 16.96 -6.38 -8.29
C GLN A 81 16.82 -7.70 -9.11
C GLN A 81 16.91 -7.67 -9.11
N TRP A 82 16.62 -7.52 -10.41
CA TRP A 82 16.67 -8.63 -11.34
C TRP A 82 16.90 -8.07 -12.73
N ARG A 83 17.23 -8.93 -13.66
N ARG A 83 17.15 -8.98 -13.66
CA ARG A 83 17.55 -8.44 -15.00
CA ARG A 83 17.48 -8.63 -15.04
C ARG A 83 16.83 -9.30 -16.04
C ARG A 83 16.50 -9.25 -16.02
N ASP A 84 16.44 -8.66 -17.19
CA ASP A 84 15.85 -9.33 -18.36
C ASP A 84 16.90 -9.12 -19.46
N ALA A 85 16.60 -9.51 -20.70
CA ALA A 85 17.57 -9.38 -21.78
C ALA A 85 17.83 -7.90 -22.14
N ARG A 86 17.00 -6.97 -21.70
CA ARG A 86 17.18 -5.56 -22.04
C ARG A 86 17.55 -4.67 -20.87
N GLN A 87 17.04 -4.95 -19.70
CA GLN A 87 17.06 -3.97 -18.63
C GLN A 87 17.43 -4.64 -17.31
N VAL A 88 17.99 -3.88 -16.39
CA VAL A 88 18.12 -4.29 -15.00
C VAL A 88 17.15 -3.45 -14.19
N TYR A 89 16.34 -4.10 -13.40
CA TYR A 89 15.35 -3.44 -12.56
C TYR A 89 15.79 -3.45 -11.12
N GLY A 90 15.43 -2.43 -10.38
CA GLY A 90 15.67 -2.39 -8.97
C GLY A 90 14.46 -1.85 -8.27
N LEU A 91 14.09 -2.44 -7.16
CA LEU A 91 13.00 -1.95 -6.32
C LEU A 91 13.58 -1.49 -5.00
N ASN A 92 13.39 -0.16 -4.70
CA ASN A 92 13.83 0.38 -3.43
C ASN A 92 12.59 0.47 -2.57
N PHE A 93 12.43 -0.50 -1.68
CA PHE A 93 11.18 -0.68 -0.96
C PHE A 93 10.99 0.39 0.11
N GLY A 94 9.73 0.68 0.38
CA GLY A 94 9.41 1.69 1.42
C GLY A 94 9.71 1.23 2.83
N SER A 95 9.77 -0.07 3.05
CA SER A 95 10.02 -0.66 4.34
C SER A 95 10.49 -2.10 4.13
N LYS A 96 11.10 -2.67 5.16
CA LYS A 96 11.46 -4.08 5.06
C LYS A 96 10.23 -4.96 4.93
N GLU A 97 9.12 -4.57 5.55
CA GLU A 97 7.93 -5.38 5.40
C GLU A 97 7.51 -5.47 3.93
N ASP A 98 7.54 -4.34 3.20
CA ASP A 98 7.18 -4.36 1.80
C ASP A 98 8.14 -5.24 1.01
N ALA A 99 9.43 -5.15 1.29
CA ALA A 99 10.40 -6.02 0.63
C ALA A 99 10.10 -7.49 0.91
N ASN A 100 9.75 -7.84 2.14
CA ASN A 100 9.46 -9.23 2.44
C ASN A 100 8.20 -9.69 1.72
N VAL A 101 7.14 -8.85 1.73
CA VAL A 101 5.93 -9.19 0.99
C VAL A 101 6.24 -9.47 -0.50
N PHE A 102 6.95 -8.57 -1.17
CA PHE A 102 7.20 -8.75 -2.59
C PHE A 102 8.14 -9.94 -2.85
N ALA A 103 9.21 -10.09 -2.03
CA ALA A 103 10.12 -11.21 -2.28
C ALA A 103 9.42 -12.52 -2.04
N SER A 104 8.53 -12.58 -1.06
N SER A 104 8.53 -12.60 -1.03
CA SER A 104 7.86 -13.83 -0.80
CA SER A 104 7.77 -13.84 -0.78
C SER A 104 6.93 -14.21 -1.95
C SER A 104 6.98 -14.20 -2.01
N ALA A 105 6.29 -13.23 -2.59
CA ALA A 105 5.48 -13.53 -3.74
C ALA A 105 6.35 -13.89 -4.95
N MET A 106 7.47 -13.19 -5.13
CA MET A 106 8.37 -13.50 -6.24
C MET A 106 8.93 -14.91 -6.09
N MET A 107 9.37 -15.26 -4.89
CA MET A 107 9.91 -16.60 -4.68
C MET A 107 8.84 -17.65 -4.91
N HIS A 108 7.58 -17.37 -4.53
CA HIS A 108 6.48 -18.28 -4.82
C HIS A 108 6.28 -18.46 -6.34
N ALA A 109 6.21 -17.36 -7.09
CA ALA A 109 6.04 -17.45 -8.53
C ALA A 109 7.15 -18.27 -9.16
N LEU A 110 8.37 -18.00 -8.76
CA LEU A 110 9.50 -18.77 -9.34
C LEU A 110 9.48 -20.26 -8.97
N GLU A 111 8.83 -20.64 -7.86
CA GLU A 111 8.72 -22.07 -7.50
C GLU A 111 7.61 -22.75 -8.29
N VAL A 112 6.61 -21.97 -8.67
CA VAL A 112 5.38 -22.38 -9.34
C VAL A 112 5.63 -22.52 -10.84
N LEU A 113 6.48 -21.68 -11.40
CA LEU A 113 6.75 -21.66 -12.83
C LEU A 113 7.40 -22.95 -13.28
N SER B 2 -27.63 -5.69 -4.29
CA SER B 2 -26.23 -5.63 -4.72
C SER B 2 -25.39 -5.34 -3.49
N MET B 3 -25.03 -6.42 -2.78
CA MET B 3 -24.21 -6.42 -1.57
C MET B 3 -22.73 -6.16 -1.87
N SER B 4 -22.44 -5.34 -2.85
CA SER B 4 -21.06 -5.09 -3.25
C SER B 4 -20.39 -4.16 -2.26
N GLU B 5 -19.10 -4.40 -2.03
CA GLU B 5 -18.24 -3.51 -1.26
C GLU B 5 -17.14 -3.11 -2.21
N GLN B 6 -17.01 -1.82 -2.47
CA GLN B 6 -15.97 -1.36 -3.38
C GLN B 6 -14.95 -0.56 -2.58
N SER B 7 -13.68 -0.89 -2.76
CA SER B 7 -12.62 -0.12 -2.14
C SER B 7 -12.47 1.17 -2.91
N ILE B 8 -12.46 2.30 -2.23
CA ILE B 8 -12.23 3.58 -2.88
C ILE B 8 -10.87 4.14 -2.57
N CYS B 9 -10.12 3.51 -1.67
CA CYS B 9 -8.74 3.88 -1.47
C CYS B 9 -8.03 2.80 -0.70
N GLN B 10 -6.71 2.85 -0.80
CA GLN B 10 -5.82 2.08 0.07
C GLN B 10 -4.68 2.96 0.51
N ALA B 11 -4.41 3.03 1.78
CA ALA B 11 -3.36 3.89 2.32
C ALA B 11 -2.62 3.22 3.48
N ARG B 12 -1.34 3.53 3.61
CA ARG B 12 -0.51 2.87 4.63
C ARG B 12 -0.53 3.77 5.86
N ALA B 13 -0.92 3.22 7.02
CA ALA B 13 -0.92 4.01 8.25
C ALA B 13 -0.80 3.11 9.46
N ALA B 14 -0.22 3.65 10.52
CA ALA B 14 -0.31 3.01 11.83
C ALA B 14 -1.60 3.49 12.47
N VAL B 15 -2.50 2.55 12.76
CA VAL B 15 -3.83 2.88 13.27
C VAL B 15 -3.80 2.95 14.80
N MET B 16 -4.20 4.09 15.35
N MET B 16 -4.29 4.03 15.36
CA MET B 16 -4.16 4.34 16.76
CA MET B 16 -4.22 4.18 16.80
C MET B 16 -5.57 4.58 17.26
C MET B 16 -5.58 4.59 17.34
N VAL B 17 -5.76 4.28 18.53
N VAL B 17 -5.81 4.19 18.58
CA VAL B 17 -6.99 4.65 19.23
CA VAL B 17 -7.01 4.52 19.33
C VAL B 17 -6.62 5.31 20.55
C VAL B 17 -6.57 5.37 20.51
N TYR B 18 -7.42 6.30 20.96
CA TYR B 18 -7.05 7.08 22.13
C TYR B 18 -7.50 6.40 23.41
N ASP B 19 -6.57 6.27 24.34
CA ASP B 19 -6.89 5.74 25.65
C ASP B 19 -7.36 6.93 26.47
N ASP B 20 -8.68 7.05 26.65
N ASP B 20 -8.67 7.06 26.65
CA ASP B 20 -9.21 8.20 27.35
CA ASP B 20 -9.18 8.24 27.32
C ASP B 20 -8.78 8.24 28.80
C ASP B 20 -9.10 8.17 28.84
N ALA B 21 -8.56 7.08 29.41
CA ALA B 21 -8.22 7.04 30.83
C ALA B 21 -6.79 7.48 31.06
N ASN B 22 -5.86 7.00 30.23
CA ASN B 22 -4.45 7.31 30.43
C ASN B 22 -3.98 8.46 29.58
N LYS B 23 -4.85 9.01 28.75
CA LYS B 23 -4.57 10.21 27.95
C LYS B 23 -3.38 9.98 27.01
N LYS B 24 -3.43 8.91 26.19
CA LYS B 24 -2.39 8.62 25.22
C LYS B 24 -2.94 7.76 24.11
N TRP B 25 -2.25 7.80 22.97
CA TRP B 25 -2.57 6.95 21.83
C TRP B 25 -2.01 5.56 22.07
N VAL B 26 -2.81 4.56 21.72
CA VAL B 26 -2.40 3.15 21.85
C VAL B 26 -2.63 2.50 20.48
N PRO B 27 -1.84 1.47 20.13
CA PRO B 27 -2.04 0.81 18.83
C PRO B 27 -3.39 0.12 18.77
N ALA B 28 -4.12 0.36 17.66
CA ALA B 28 -5.34 -0.40 17.43
C ALA B 28 -5.05 -1.88 17.26
N GLY B 29 -5.83 -2.73 17.93
CA GLY B 29 -5.63 -4.14 17.87
C GLY B 29 -4.55 -4.69 18.78
N GLY B 30 -3.76 -3.82 19.41
CA GLY B 30 -2.80 -4.20 20.40
C GLY B 30 -1.34 -4.11 20.06
N SER B 31 -0.97 -4.13 18.79
N SER B 31 -0.97 -4.11 18.78
CA SER B 31 0.45 -4.19 18.43
CA SER B 31 0.44 -4.16 18.43
C SER B 31 0.78 -3.04 17.49
C SER B 31 0.78 -3.02 17.48
N THR B 32 1.88 -2.37 17.78
CA THR B 32 2.26 -1.19 17.01
C THR B 32 2.83 -1.60 15.64
N GLY B 33 2.34 -0.97 14.58
CA GLY B 33 2.90 -1.26 13.26
C GLY B 33 1.95 -0.76 12.20
N PHE B 34 2.40 -0.91 10.94
CA PHE B 34 1.64 -0.30 9.84
C PHE B 34 0.60 -1.26 9.27
N SER B 35 -0.52 -0.69 8.86
CA SER B 35 -1.65 -1.36 8.25
C SER B 35 -1.95 -0.79 6.86
N ARG B 36 -2.65 -1.60 6.05
CA ARG B 36 -3.26 -1.15 4.82
C ARG B 36 -4.69 -0.80 5.15
N VAL B 37 -5.05 0.49 5.00
CA VAL B 37 -6.33 1.01 5.44
C VAL B 37 -7.13 1.39 4.22
N HIS B 38 -8.31 0.79 4.09
CA HIS B 38 -9.24 1.09 3.02
C HIS B 38 -10.43 1.90 3.52
N ILE B 39 -11.06 2.61 2.61
CA ILE B 39 -12.47 2.95 2.75
C ILE B 39 -13.23 2.11 1.78
N TYR B 40 -14.25 1.43 2.27
CA TYR B 40 -15.13 0.62 1.46
C TYR B 40 -16.52 1.25 1.37
N HIS B 41 -17.03 1.26 0.15
CA HIS B 41 -18.35 1.80 -0.14
C HIS B 41 -19.30 0.63 -0.37
N HIS B 42 -20.33 0.52 0.47
CA HIS B 42 -21.39 -0.47 0.31
C HIS B 42 -22.51 0.21 -0.46
N THR B 43 -22.53 -0.05 -1.76
CA THR B 43 -23.38 0.71 -2.66
C THR B 43 -24.87 0.45 -2.44
N GLY B 44 -25.23 -0.74 -1.96
CA GLY B 44 -26.63 -1.07 -1.81
C GLY B 44 -27.41 -0.02 -1.02
N ASN B 45 -26.89 0.32 0.16
CA ASN B 45 -27.54 1.29 1.05
C ASN B 45 -26.66 2.51 1.28
N ASN B 46 -25.68 2.70 0.41
CA ASN B 46 -24.83 3.88 0.37
C ASN B 46 -24.21 4.19 1.73
N THR B 47 -23.52 3.21 2.28
CA THR B 47 -22.73 3.39 3.49
C THR B 47 -21.24 3.20 3.21
N PHE B 48 -20.45 3.71 4.11
CA PHE B 48 -19.00 3.65 4.01
C PHE B 48 -18.40 3.18 5.33
N ARG B 49 -17.33 2.38 5.25
CA ARG B 49 -16.61 1.96 6.44
C ARG B 49 -15.11 2.07 6.20
N VAL B 50 -14.38 2.33 7.27
CA VAL B 50 -12.91 2.26 7.29
C VAL B 50 -12.52 0.87 7.78
N VAL B 51 -11.76 0.12 6.98
CA VAL B 51 -11.28 -1.20 7.40
C VAL B 51 -9.79 -1.23 7.17
N GLY B 52 -9.02 -1.61 8.19
CA GLY B 52 -7.56 -1.71 8.04
C GLY B 52 -7.04 -3.02 8.59
N ARG B 53 -6.05 -3.58 7.89
CA ARG B 53 -5.42 -4.83 8.26
C ARG B 53 -3.91 -4.65 8.39
N LYS B 54 -3.32 -5.21 9.45
CA LYS B 54 -1.89 -5.08 9.65
C LYS B 54 -1.16 -5.74 8.48
N ILE B 55 -0.10 -5.10 8.00
CA ILE B 55 0.63 -5.67 6.88
C ILE B 55 1.22 -7.02 7.28
N GLN B 56 1.73 -7.11 8.50
CA GLN B 56 2.45 -8.33 8.91
C GLN B 56 1.54 -9.55 8.98
N ASP B 57 0.47 -9.48 9.77
CA ASP B 57 -0.28 -10.65 10.08
C ASP B 57 -1.74 -10.58 9.68
N HIS B 58 -2.15 -9.52 9.00
CA HIS B 58 -3.45 -9.39 8.40
C HIS B 58 -4.54 -9.11 9.43
N GLN B 59 -4.19 -8.87 10.70
CA GLN B 59 -5.20 -8.60 11.72
C GLN B 59 -6.04 -7.41 11.34
N VAL B 60 -7.36 -7.55 11.48
CA VAL B 60 -8.24 -6.38 11.33
C VAL B 60 -8.03 -5.50 12.56
N VAL B 61 -7.56 -4.28 12.36
CA VAL B 61 -7.30 -3.38 13.47
C VAL B 61 -8.31 -2.24 13.54
N ILE B 62 -9.09 -2.02 12.48
CA ILE B 62 -10.14 -0.99 12.47
C ILE B 62 -11.25 -1.49 11.55
N ASN B 63 -12.49 -1.29 11.96
CA ASN B 63 -13.63 -1.65 11.13
C ASN B 63 -14.77 -0.78 11.62
N CYS B 64 -14.87 0.45 11.15
N CYS B 64 -14.84 0.45 11.09
CA CYS B 64 -15.78 1.39 11.78
CA CYS B 64 -15.62 1.56 11.64
C CYS B 64 -16.53 2.19 10.72
C CYS B 64 -16.61 2.05 10.58
N ALA B 65 -17.82 2.38 10.99
CA ALA B 65 -18.72 3.11 10.10
C ALA B 65 -18.27 4.55 9.98
N ILE B 66 -18.53 5.13 8.79
CA ILE B 66 -18.34 6.58 8.60
C ILE B 66 -19.74 7.16 8.55
N PRO B 67 -20.20 7.81 9.62
CA PRO B 67 -21.54 8.40 9.63
C PRO B 67 -21.61 9.73 8.91
N LYS B 68 -22.78 10.00 8.35
CA LYS B 68 -23.04 11.27 7.74
C LYS B 68 -22.70 12.37 8.73
N GLY B 69 -22.00 13.39 8.27
CA GLY B 69 -21.69 14.53 9.11
C GLY B 69 -20.39 14.44 9.86
N LEU B 70 -19.65 13.32 9.72
N LEU B 70 -19.69 13.30 9.77
CA LEU B 70 -18.43 13.14 10.48
CA LEU B 70 -18.45 13.14 10.48
C LEU B 70 -17.44 14.28 10.27
C LEU B 70 -17.54 14.34 10.28
N LYS B 71 -16.88 14.74 11.37
CA LYS B 71 -15.82 15.76 11.38
C LYS B 71 -14.45 15.09 11.31
N TYR B 72 -13.79 15.18 10.17
CA TYR B 72 -12.48 14.57 9.92
C TYR B 72 -11.40 15.61 10.07
N ASN B 73 -10.50 15.43 11.03
CA ASN B 73 -9.55 16.46 11.41
C ASN B 73 -8.16 16.12 10.85
N GLN B 74 -7.59 17.01 10.05
CA GLN B 74 -6.25 16.79 9.46
C GLN B 74 -5.26 17.58 10.33
N ALA B 75 -4.92 16.98 11.48
CA ALA B 75 -4.09 17.66 12.45
C ALA B 75 -2.76 18.09 11.86
N THR B 76 -2.10 17.16 11.15
CA THR B 76 -0.86 17.43 10.42
C THR B 76 -0.99 16.80 9.05
N GLN B 77 0.05 16.99 8.22
CA GLN B 77 0.02 16.34 6.91
C GLN B 77 0.18 14.83 6.97
N THR B 78 0.49 14.24 8.12
CA THR B 78 0.61 12.81 8.20
C THR B 78 -0.14 12.22 9.38
N PHE B 79 -0.93 12.99 10.12
CA PHE B 79 -1.69 12.45 11.25
C PHE B 79 -3.09 13.05 11.23
N HIS B 80 -4.08 12.20 10.94
CA HIS B 80 -5.49 12.60 10.83
C HIS B 80 -6.30 11.83 11.87
N GLN B 81 -7.48 12.32 12.21
N GLN B 81 -7.37 12.46 12.39
CA GLN B 81 -8.21 11.70 13.30
CA GLN B 81 -8.19 11.89 13.45
C GLN B 81 -9.67 12.07 13.22
C GLN B 81 -9.69 12.04 13.17
N TRP B 82 -10.49 11.22 13.84
CA TRP B 82 -11.93 11.44 13.93
C TRP B 82 -12.44 10.72 15.16
N ARG B 83 -13.66 11.03 15.56
N ARG B 83 -13.67 11.05 15.52
CA ARG B 83 -14.18 10.44 16.77
CA ARG B 83 -14.34 10.48 16.68
C ARG B 83 -15.62 10.07 16.49
C ARG B 83 -15.60 9.77 16.25
N ASP B 84 -16.09 9.00 17.19
CA ASP B 84 -17.50 8.69 17.18
C ASP B 84 -17.92 8.53 18.62
N ALA B 85 -19.13 7.99 18.83
CA ALA B 85 -19.68 7.89 20.16
C ALA B 85 -18.88 6.99 21.10
N ARG B 86 -18.04 6.10 20.55
CA ARG B 86 -17.32 5.06 21.29
C ARG B 86 -15.83 5.32 21.39
N GLN B 87 -15.20 5.89 20.38
CA GLN B 87 -13.75 5.87 20.30
C GLN B 87 -13.25 7.10 19.57
N VAL B 88 -11.98 7.46 19.78
CA VAL B 88 -11.26 8.41 18.98
C VAL B 88 -10.21 7.64 18.21
N TYR B 89 -10.16 7.83 16.91
CA TYR B 89 -9.23 7.12 16.04
C TYR B 89 -8.18 8.09 15.51
N GLY B 90 -6.98 7.61 15.32
CA GLY B 90 -5.95 8.39 14.73
C GLY B 90 -5.19 7.56 13.68
N LEU B 91 -4.87 8.12 12.52
CA LEU B 91 -4.07 7.43 11.51
C LEU B 91 -2.77 8.18 11.39
N ASN B 92 -1.66 7.47 11.64
CA ASN B 92 -0.33 8.03 11.47
C ASN B 92 0.19 7.45 10.14
N PHE B 93 0.10 8.23 9.08
CA PHE B 93 0.31 7.77 7.71
C PHE B 93 1.76 7.52 7.45
N GLY B 94 2.02 6.56 6.57
CA GLY B 94 3.41 6.25 6.25
C GLY B 94 4.10 7.33 5.43
N SER B 95 3.31 8.21 4.77
CA SER B 95 3.85 9.28 3.94
C SER B 95 2.75 10.30 3.77
N LYS B 96 3.14 11.50 3.37
CA LYS B 96 2.15 12.51 3.02
C LYS B 96 1.29 12.07 1.85
N GLU B 97 1.86 11.34 0.90
CA GLU B 97 1.02 10.87 -0.19
C GLU B 97 -0.08 9.95 0.31
N ASP B 98 0.23 9.03 1.25
CA ASP B 98 -0.81 8.17 1.78
C ASP B 98 -1.91 8.95 2.51
N ALA B 99 -1.51 9.96 3.26
CA ALA B 99 -2.47 10.82 3.95
C ALA B 99 -3.35 11.54 2.95
N ASN B 100 -2.78 12.02 1.86
CA ASN B 100 -3.58 12.71 0.85
C ASN B 100 -4.56 11.77 0.18
N VAL B 101 -4.12 10.55 -0.19
CA VAL B 101 -5.04 9.57 -0.74
C VAL B 101 -6.21 9.31 0.18
N PHE B 102 -5.93 9.01 1.47
CA PHE B 102 -7.00 8.66 2.37
C PHE B 102 -7.94 9.84 2.60
N ALA B 103 -7.35 11.01 2.83
CA ALA B 103 -8.22 12.15 3.09
C ALA B 103 -9.08 12.45 1.90
N SER B 104 -8.53 12.33 0.69
N SER B 104 -8.53 12.36 0.70
CA SER B 104 -9.35 12.60 -0.48
CA SER B 104 -9.34 12.62 -0.49
C SER B 104 -10.51 11.64 -0.58
C SER B 104 -10.51 11.66 -0.56
N ALA B 105 -10.28 10.36 -0.27
CA ALA B 105 -11.39 9.41 -0.26
C ALA B 105 -12.36 9.70 0.88
N MET B 106 -11.89 10.07 2.06
CA MET B 106 -12.81 10.36 3.16
C MET B 106 -13.68 11.58 2.82
N MET B 107 -13.05 12.63 2.27
CA MET B 107 -13.83 13.83 1.92
C MET B 107 -14.84 13.50 0.84
N HIS B 108 -14.51 12.61 -0.11
CA HIS B 108 -15.47 12.17 -1.11
C HIS B 108 -16.66 11.45 -0.45
N ALA B 109 -16.37 10.50 0.41
CA ALA B 109 -17.40 9.74 1.11
C ALA B 109 -18.34 10.67 1.85
N LEU B 110 -17.78 11.65 2.53
CA LEU B 110 -18.61 12.61 3.27
C LEU B 110 -19.49 13.47 2.39
N GLU B 111 -19.15 13.65 1.11
CA GLU B 111 -20.04 14.38 0.19
C GLU B 111 -21.14 13.50 -0.37
N VAL B 112 -20.92 12.18 -0.39
CA VAL B 112 -21.88 11.22 -0.93
C VAL B 112 -22.91 10.79 0.11
N LEU B 113 -22.52 10.71 1.37
CA LEU B 113 -23.41 10.29 2.43
C LEU B 113 -24.61 11.24 2.59
O2 8V2 C . 23.53 5.52 -5.19
C7 8V2 C . 21.07 0.14 -2.55
O3 8V2 C . 23.20 -3.25 -8.26
C16 8V2 C . 22.82 -10.12 -9.13
C19 8V2 C . 20.58 -10.15 -10.83
O5 8V2 C . 23.82 -8.63 -12.81
C22 8V2 C . 23.65 -2.08 -3.74
C1 8V2 C . 22.72 4.44 -5.48
C10 8V2 C . 24.88 -2.23 -6.40
C11 8V2 C . 24.43 -5.76 -9.87
C12 8V2 C . 23.77 -7.03 -10.40
C13 8V2 C . 22.93 -7.73 -9.29
C14 8V2 C . 22.34 -8.90 -9.68
C15 8V2 C . 21.22 -8.98 -10.47
C17 8V2 C . 22.21 -11.31 -9.54
C18 8V2 C . 21.09 -11.35 -10.32
C2 8V2 C . 22.31 3.74 -4.30
C20 8V2 C . 23.92 -1.20 -6.12
C21 8V2 C . 22.45 -0.13 -4.50
C23 8V2 C . 22.37 -1.88 -3.01
C24 8V2 C . 27.22 -2.60 -6.79
C25 8V2 C . 22.88 1.26 -4.57
C26 8V2 C . 26.11 -3.43 -10.17
C27 8V2 C . 26.61 -2.16 -8.13
C28 8V2 C . 27.02 -2.91 -9.23
C29 8V2 C . 23.65 -3.03 -12.15
C3 8V2 C . 20.99 4.21 -3.71
C30 8V2 C . 23.29 -4.41 -11.62
C31 8V2 C . 24.32 -3.03 -8.67
C32 8V2 C . 24.81 -8.57 -12.08
C33 8V2 C . 26.07 -9.36 -12.45
C34 8V2 C . 23.96 -2.33 -10.94
C35 8V2 C . 24.70 -3.33 -10.00
C4 8V2 C . 19.99 3.39 -4.51
C5 8V2 C . 20.59 1.96 -4.30
C6 8V2 C . 20.32 1.18 -3.10
C8 8V2 C . 22.29 -0.39 -3.00
C87 8V2 C . 22.92 6.73 -5.66
C9 8V2 C . 26.27 -1.84 -5.90
N1 8V2 C . 22.04 2.27 -4.46
N2 8V2 C . 23.40 -1.13 -4.92
N3 8V2 C . 25.16 -2.43 -7.83
N4 8V2 C . 24.88 -7.94 -10.89
N5 8V2 C . 24.17 -4.58 -10.53
O1 8V2 C . 22.54 4.01 -6.63
O4 8V2 C . 25.08 -5.74 -8.80
O6 8V2 C . 23.59 -0.36 -6.98
O7 8V2 C . 24.10 1.55 -4.70
CL 8V2 C . 20.51 -7.56 -11.15
H7 8V2 C . 20.66 -0.32 -1.66
H16 8V2 C . 23.71 -10.13 -8.49
H19 8V2 C . 19.72 -10.14 -11.50
H93 8V2 C . 23.83 -3.11 -4.04
H22 8V2 C . 24.50 -1.70 -3.14
H10 8V2 C . 24.58 -3.20 -6.00
H12 8V2 C . 23.11 -6.78 -11.24
H13 8V2 C . 23.58 -7.93 -8.44
H36 8V2 C . 22.15 -7.04 -8.98
H17 8V2 C . 22.59 -12.25 -9.13
H18 8V2 C . 20.64 -12.30 -10.59
H25 8V2 C . 23.11 3.93 -3.59
H21 8V2 C . 21.49 -0.33 -4.98
H94 8V2 C . 21.55 -2.28 -3.61
H23 8V2 C . 22.36 -2.35 -2.02
H4B 8V2 C . 27.08 -3.68 -6.65
H24 8V2 C . 28.27 -2.34 -6.69
H26 8V2 C . 26.50 -4.03 -10.99
H27 8V2 C . 26.73 -1.10 -8.33
H28 8V2 C . 28.08 -3.07 -9.39
H38 8V2 C . 22.94 -2.46 -12.67
H29 8V2 C . 24.60 -3.00 -12.59
H31 8V2 C . 20.91 3.84 -2.69
H32 8V2 C . 20.86 5.29 -3.74
H30 8V2 C . 22.29 -4.36 -11.19
H37 8V2 C . 23.34 -5.21 -12.37
H35 8V2 C . 26.58 -9.69 -11.54
H33 8V2 C . 26.74 -8.74 -13.03
H34 8V2 C . 25.79 -10.24 -13.03
H4A 8V2 C . 24.40 -1.34 -11.03
H39 8V2 C . 22.96 -2.22 -10.48
H41 8V2 C . 18.95 3.48 -4.20
H42 8V2 C . 20.10 3.69 -5.55
H5 8V2 C . 20.21 1.34 -5.11
H6 8V2 C . 19.39 1.41 -2.59
H8 8V2 C . 23.15 0.00 -2.45
H87 8V2 C . 23.58 7.58 -5.42
H95 8V2 C . 21.96 6.87 -5.17
H96 8V2 C . 22.78 6.68 -6.74
H92 8V2 C . 26.39 -1.98 -4.83
H91 8V2 C . 26.44 -0.80 -6.16
H43 8V2 C . 25.73 -7.95 -10.37
S SO4 D . -3.17 0.65 -7.83
O1 SO4 D . -4.10 1.27 -6.89
O2 SO4 D . -3.03 -0.77 -7.52
O3 SO4 D . -3.69 0.80 -9.17
O4 SO4 D . -1.90 1.35 -7.73
N NO3 E . 1.42 -0.87 -1.53
N NO3 E . 1.64 -0.42 -1.34
O1 NO3 E . 0.31 -1.43 -1.72
O1 NO3 E . 1.84 0.25 -2.39
O2 NO3 E . 2.20 -1.42 -0.76
O2 NO3 E . 1.32 -1.63 -1.41
O3 NO3 E . 1.78 0.20 -2.15
O3 NO3 E . 1.80 0.16 -0.24
C1 GOL F . 6.54 0.81 -18.19
O1 GOL F . 6.22 -0.27 -19.04
C2 GOL F . 7.24 1.87 -19.00
O2 GOL F . 6.31 2.46 -19.90
C3 GOL F . 7.84 2.97 -18.15
O3 GOL F . 8.25 4.04 -18.97
H11 GOL F . 5.64 1.21 -17.74
H12 GOL F . 7.20 0.47 -17.39
HO1 GOL F . 5.83 -1.00 -18.52
H2 GOL F . 8.04 1.41 -19.58
HO2 GOL F . 5.61 2.93 -19.38
H31 GOL F . 7.10 3.33 -17.42
H32 GOL F . 8.69 2.59 -17.59
HO3 GOL F . 9.10 4.40 -18.66
O2 8V2 G . 3.13 11.28 21.44
C7 8V2 G . 0.94 13.54 15.82
O3 8V2 G . -5.26 14.45 19.04
C16 8V2 G . -10.78 17.55 16.31
C19 8V2 G . -12.25 15.20 15.71
O5 8V2 G . -10.43 16.25 21.50
C22 8V2 G . -1.18 16.16 17.31
C1 8V2 G . 2.12 11.19 20.50
C10 8V2 G . -3.01 15.91 19.57
C11 8V2 G . -7.95 16.00 19.72
C12 8V2 G . -9.31 16.06 19.00
C13 8V2 G . -9.10 16.23 17.50
C14 8V2 G . -10.31 16.31 16.77
C15 8V2 G . -11.09 15.21 16.45
C17 8V2 G . -11.96 17.57 15.58
C18 8V2 G . -12.69 16.44 15.26
C2 8V2 G . 2.42 11.74 19.24
C20 8V2 G . -2.18 14.80 19.26
C21 8V2 G . -0.46 13.87 17.79
C23 8V2 G . -0.75 15.47 16.06
C24 8V2 G . -3.34 17.59 21.26
C25 8V2 G . 0.56 13.42 18.70
C26 8V2 G . -6.34 15.77 22.11
C27 8V2 G . -3.96 16.29 21.76
C28 8V2 G . -5.17 16.48 22.40
C29 8V2 G . -7.72 13.02 21.78
C3 8V2 G . 3.02 10.81 18.19
C30 8V2 G . -8.37 13.66 20.54
C31 8V2 G . -5.24 14.95 20.17
C32 8V2 G . -10.62 17.19 20.72
C33 8V2 G . -11.49 18.34 21.12
C34 8V2 G . -6.35 13.35 21.51
C35 8V2 G . -6.31 14.79 21.06
C4 8V2 G . 1.80 10.19 17.61
C5 8V2 G . 0.94 11.44 17.28
C6 8V2 G . 1.22 12.20 16.07
C8 8V2 G . 0.33 14.52 16.67
C87 8V2 G . 2.98 10.47 22.66
C9 8V2 G . -2.27 17.02 20.43
N1 8V2 G . 1.22 12.30 18.49
N2 8V2 G . -1.37 14.93 18.22
N3 8V2 G . -4.11 15.59 20.45
N4 8V2 G . -10.12 17.21 19.52
N5 8V2 G . -7.64 14.87 20.41
O1 8V2 G . 0.99 10.79 20.81
O4 8V2 G . -7.13 16.92 19.55
O6 8V2 G . -2.28 13.72 19.89
O7 8V2 G . 0.78 14.07 19.76
CL 8V2 G . -10.55 13.60 16.99
H7 8V2 G . 1.19 13.89 14.82
H16 8V2 G . -10.23 18.48 16.51
H19 8V2 G . -12.80 14.28 15.51
H93 8V2 G . -2.09 16.75 17.18
H22 8V2 G . -0.37 16.79 17.71
H10 8V2 G . -3.44 16.35 18.67
H12 8V2 G . -9.86 15.14 19.18
H13 8V2 G . -8.51 17.13 17.32
H36 8V2 G . -8.54 15.37 17.14
H17 8V2 G . -12.32 18.53 15.22
H18 8V2 G . -13.62 16.52 14.70
H25 8V2 G . 3.15 12.53 19.46
H21 8V2 G . -1.06 13.06 17.35
H94 8V2 G . -1.57 14.87 15.67
H23 8V2 G . -0.36 16.16 15.30
H4B 8V2 G . -4.07 18.11 20.63
H24 8V2 G . -2.99 18.24 22.07
H26 8V2 G . -7.28 16.01 22.63
H27 8V2 G . -3.28 15.70 22.38
H28 8V2 G . -5.22 17.25 23.16
H38 8V2 G . -7.76 11.98 21.91
H29 8V2 G . -7.85 13.57 22.67
H31 8V2 G . 3.45 11.40 17.39
H32 8V2 G . 3.77 10.12 18.59
H30 8V2 G . -8.13 13.05 19.67
H37 8V2 G . -9.45 13.81 20.62
H35 8V2 G . -11.36 18.72 22.10
H33 8V2 G . -11.04 19.14 20.54
H34 8V2 G . -12.48 18.34 20.73
H4A 8V2 G . -5.64 13.10 22.29
H39 8V2 G . -6.13 12.76 20.62
H41 8V2 G . 1.95 9.53 16.75
H42 8V2 G . 1.31 9.64 18.42
H5 8V2 G . -0.10 11.14 17.21
H6 8V2 G . 1.66 11.64 15.24
H8 8V2 G . 1.10 15.16 17.12
H87 8V2 G . 2.07 10.77 23.18
H95 8V2 G . 3.84 10.63 23.31
H96 8V2 G . 2.92 9.42 22.39
H92 8V2 G . -1.66 17.72 19.84
H91 8V2 G . -1.63 16.50 21.15
H43 8V2 G . -10.32 17.96 18.90
O2 8V2 H . -18.43 -10.67 7.98
C7 8V2 H . -13.71 -7.83 10.33
O3 8V2 H . -10.72 -7.57 4.38
C22 8V2 H . -14.17 -6.08 7.28
C1 8V2 H . -17.24 -11.29 8.22
C10 8V2 H . -13.43 -6.81 4.54
C11 8V2 H . -8.63 -6.74 1.76
C2 8V2 H . -16.56 -10.82 9.35
C20 8V2 H . -13.54 -7.79 5.56
C21 8V2 H . -14.01 -8.31 7.97
C23 8V2 H . -13.36 -6.21 8.58
C24 8V2 H . -14.32 -6.00 2.57
C25 8V2 H . -15.15 -9.07 8.06
C26 8V2 H . -11.42 -7.54 0.99
C27 8V2 H . -13.50 -7.25 2.19
C28 8V2 H . -12.74 -7.09 1.03
C29 8V2 H . -9.69 -10.01 3.06
C3 8V2 H . -15.87 -11.95 10.14
C30 8V2 H . -8.58 -9.20 2.43
C31 8V2 H . -11.35 -7.67 3.33
C34 8V2 H . -10.78 -9.66 2.02
C35 8V2 H . -10.76 -8.13 2.10
C4 8V2 H . -15.16 -11.07 11.14
C5 8V2 H . -14.36 -10.24 10.13
C6 8V2 H . -13.81 -9.13 10.79
C8 8V2 H . -14.15 -7.33 9.11
C87 8V2 H . -18.97 -11.18 6.76
C9 8V2 H . -14.78 -6.50 3.93
N1 8V2 H . -15.39 -9.93 9.05
N2 8V2 H . -13.95 -7.42 6.78
N3 8V2 H . -12.63 -7.32 3.37
N5 8V2 H . -9.27 -7.88 2.08
O1 8V2 H . -16.78 -12.20 7.52
O6 8V2 H . -13.28 -8.97 5.33
O7 8V2 H . -16.05 -8.87 7.22
H7 8V2 H . -13.24 -7.11 11.01
H93 8V2 H . -13.71 -5.32 6.63
H22 8V2 H . -15.22 -5.87 7.44
H10 8V2 H . -12.97 -5.88 4.88
H25 8V2 H . -17.25 -10.30 10.01
H21 8V2 H . -13.08 -8.89 8.04
H94 8V2 H . -12.32 -6.50 8.39
H23 8V2 H . -13.41 -5.32 9.21
H4B 8V2 H . -13.70 -5.12 2.68
H24 8V2 H . -15.15 -5.81 1.88
H26 8V2 H . -10.86 -7.40 0.07
H27 8V2 H . -14.11 -8.15 2.13
H28 8V2 H . -13.19 -6.62 0.15
H38 8V2 H . -9.44 -11.08 3.14
H29 8V2 H . -9.97 -9.60 4.03
H31 8V2 H . -16.58 -12.64 10.61
H32 8V2 H . -15.14 -12.50 9.54
H30 8V2 H . -7.69 -9.09 3.06
H37 8V2 H . -8.31 -9.68 1.48
H4A 8V2 H . -10.42 -9.99 1.04
H39 8V2 H . -11.76 -10.09 2.23
H41 8V2 H . -15.90 -10.45 11.66
H42 8V2 H . -14.51 -11.59 11.85
H5 8V2 H . -13.60 -10.85 9.68
H6 8V2 H . -13.42 -9.32 11.80
H8 8V2 H . -15.17 -6.96 9.18
H87 8V2 H . -18.28 -10.98 5.94
H95 8V2 H . -19.92 -10.70 6.55
H96 8V2 H . -19.12 -12.26 6.86
H92 8V2 H . -15.40 -5.83 4.52
H91 8V2 H . -15.33 -7.44 3.73
N NO3 I . -1.21 0.50 1.23
N NO3 I . -1.00 0.64 1.42
O1 NO3 I . -1.06 1.74 1.15
O1 NO3 I . 0.05 0.44 0.84
O2 NO3 I . -0.93 -0.21 2.27
O2 NO3 I . -1.02 0.43 2.65
O3 NO3 I . -1.71 -0.07 0.25
O3 NO3 I . -1.98 0.99 0.71
C1 GOL J . 6.15 3.67 4.89
O1 GOL J . 5.66 2.41 5.32
C2 GOL J . 5.75 4.08 3.46
O2 GOL J . 4.54 4.81 3.39
C3 GOL J . 6.90 4.89 2.86
O3 GOL J . 6.65 5.27 1.52
H11 GOL J . 5.79 4.43 5.59
H12 GOL J . 7.24 3.66 4.96
HO1 GOL J . 6.01 2.20 6.20
H2 GOL J . 5.64 3.17 2.86
HO2 GOL J . 4.63 5.65 3.89
H31 GOL J . 7.06 5.78 3.47
H32 GOL J . 7.81 4.30 2.90
HO3 GOL J . 7.49 5.28 1.03
C1 GOL K . -9.45 -5.43 17.61
O1 GOL K . -8.61 -4.90 18.61
C2 GOL K . -9.92 -4.36 16.64
O2 GOL K . -9.18 -4.52 15.46
C3 GOL K . -11.40 -4.56 16.32
O3 GOL K . -11.68 -4.10 15.00
H11 GOL K . -8.91 -6.21 17.07
H12 GOL K . -10.31 -5.91 18.08
HO1 GOL K . -8.38 -5.60 19.25
H2 GOL K . -9.76 -3.37 17.07
HO2 GOL K . -9.35 -5.42 15.10
H31 GOL K . -11.66 -5.61 16.40
H32 GOL K . -12.01 -4.01 17.04
HO3 GOL K . -12.64 -4.04 14.86
#